data_6G2A
#
_entry.id   6G2A
#
_cell.length_a   98.526
_cell.length_b   42.940
_cell.length_c   89.231
_cell.angle_alpha   90.00
_cell.angle_beta   118.93
_cell.angle_gamma   90.00
#
_symmetry.space_group_name_H-M   'C 1 2 1'
#
loop_
_entity.id
_entity.type
_entity.pdbx_description
1 polymer '[Protein ADP-ribosylarginine] hydrolase'
2 non-polymer 'Adenosine Diphosphate (Hydroxymethyl)pyrrolidine monoalcohol'
3 non-polymer 'MAGNESIUM ION'
4 non-polymer 'CHLORIDE ION'
5 non-polymer 'ACETATE ION'
6 water water
#
_entity_poly.entity_id   1
_entity_poly.type   'polypeptide(L)'
_entity_poly.pdbx_seq_one_letter_code
;MGHHHHHHGGMEKYVAAMVLSAAGDALGYYNGKWEFLQDGEKIHRQLAQLGGLDALDVGRWRVSDDTVMHLATAEALVEA
GKAPKLTQLYYLLAKHYQDCMEDMDGRAPGGASVHNAMQLKPGKPNGWRIPFNSHEGGCGAAMRAMCIGLRFPHHSQLDT
LIQVSIESGRMTHHHPTGYLGALASALFTAYAVNSRPPLQWGKGLMELLPEAKKYIVQSGYFVEENLQHWSYFQTKWENY
LKLRGILDGESAPTFPESFGVKERDQFYTSLSYSGWGGSSGHDAPMIAYDAVLAAGDSWKELAHRAFFHGGDSDSTAAIA
GCWWGVMYGFKGVSPSNYEKLEYRNRLEETARALYSLGSKEDTVISL
;
_entity_poly.pdbx_strand_id   A
#
# COMPACT_ATOMS: atom_id res chain seq x y z
N HIS A 7 11.36 5.54 -20.93
CA HIS A 7 12.58 4.85 -21.38
C HIS A 7 12.75 3.46 -20.76
N HIS A 8 12.05 2.42 -21.27
CA HIS A 8 10.70 2.39 -21.84
C HIS A 8 9.68 3.06 -20.90
N GLY A 9 8.64 3.66 -21.50
CA GLY A 9 7.59 4.41 -20.78
C GLY A 9 6.84 3.54 -19.78
N GLY A 10 6.50 2.32 -20.18
CA GLY A 10 5.94 1.30 -19.29
C GLY A 10 6.83 1.05 -18.08
N MET A 11 8.13 0.84 -18.33
CA MET A 11 9.07 0.51 -17.26
C MET A 11 9.32 1.71 -16.34
N GLU A 12 9.42 2.91 -16.91
CA GLU A 12 9.64 4.16 -16.13
C GLU A 12 8.58 4.26 -15.02
N LYS A 13 7.32 3.99 -15.36
CA LYS A 13 6.22 4.01 -14.37
C LYS A 13 6.51 3.00 -13.25
N TYR A 14 6.99 1.79 -13.59
CA TYR A 14 7.25 0.76 -12.57
C TYR A 14 8.35 1.23 -11.62
N VAL A 15 9.43 1.81 -12.17
CA VAL A 15 10.59 2.26 -11.38
C VAL A 15 10.13 3.33 -10.38
N ALA A 16 9.35 4.29 -10.89
CA ALA A 16 8.84 5.37 -10.10
C ALA A 16 7.92 4.83 -9.00
N ALA A 17 7.08 3.85 -9.33
CA ALA A 17 6.17 3.26 -8.35
C ALA A 17 6.98 2.81 -7.12
N MET A 18 8.08 2.12 -7.36
CA MET A 18 8.86 1.45 -6.31
C MET A 18 9.69 2.50 -5.56
N VAL A 19 10.39 3.38 -6.30
CA VAL A 19 11.29 4.39 -5.69
C VAL A 19 10.48 5.44 -4.91
N LEU A 20 9.38 5.92 -5.50
CA LEU A 20 8.63 7.01 -4.83
C LEU A 20 7.73 6.48 -3.71
N SER A 21 7.32 5.21 -3.79
CA SER A 21 6.74 4.54 -2.63
C SER A 21 7.73 4.64 -1.44
N ALA A 22 8.99 4.33 -1.69
CA ALA A 22 10.01 4.33 -0.65
C ALA A 22 10.34 5.76 -0.20
N ALA A 23 10.42 6.72 -1.13
CA ALA A 23 10.59 8.14 -0.80
C ALA A 23 9.47 8.60 0.12
N GLY A 24 8.23 8.22 -0.23
CA GLY A 24 7.10 8.55 0.55
C GLY A 24 7.24 8.03 1.95
N ASP A 25 7.55 6.74 2.10
CA ASP A 25 7.75 6.12 3.38
C ASP A 25 8.77 6.95 4.18
N ALA A 26 9.97 7.18 3.62
CA ALA A 26 11.01 7.87 4.35
C ALA A 26 10.55 9.27 4.81
N LEU A 27 9.90 10.00 3.91
CA LEU A 27 9.46 11.36 4.21
C LEU A 27 8.36 11.34 5.27
N GLY A 28 7.47 10.35 5.16
CA GLY A 28 6.34 10.17 6.06
C GLY A 28 6.74 9.59 7.42
N TYR A 29 7.98 9.09 7.49
CA TYR A 29 8.57 8.50 8.71
C TYR A 29 9.50 9.47 9.46
N TYR A 30 10.39 10.15 8.72
CA TYR A 30 11.38 11.06 9.27
C TYR A 30 12.09 10.43 10.48
N ASN A 31 12.55 9.18 10.31
CA ASN A 31 13.34 8.48 11.36
C ASN A 31 12.56 8.40 12.68
N GLY A 32 11.23 8.33 12.57
CA GLY A 32 10.32 8.23 13.70
C GLY A 32 10.01 9.56 14.38
N LYS A 33 10.55 10.67 13.88
CA LYS A 33 10.45 11.93 14.59
C LYS A 33 9.03 12.53 14.54
N TRP A 34 8.23 12.21 13.51
CA TRP A 34 6.89 12.77 13.46
C TRP A 34 6.04 12.30 14.64
N GLU A 35 6.36 11.13 15.23
CA GLU A 35 5.58 10.59 16.37
C GLU A 35 5.64 11.49 17.61
N PHE A 36 6.67 12.33 17.71
CA PHE A 36 6.77 13.19 18.88
C PHE A 36 5.86 14.41 18.68
N LEU A 37 5.31 14.60 17.47
CA LEU A 37 4.42 15.74 17.19
C LEU A 37 2.97 15.25 17.08
N GLN A 38 2.75 14.21 16.26
CA GLN A 38 1.46 13.51 16.15
C GLN A 38 0.32 14.48 15.86
N ASP A 39 0.60 15.50 15.04
CA ASP A 39 -0.35 16.57 14.73
C ASP A 39 0.12 17.17 13.42
N GLY A 40 -0.75 17.17 12.41
CA GLY A 40 -0.45 17.62 11.06
C GLY A 40 0.04 19.06 11.03
N GLU A 41 -0.60 19.94 11.78
CA GLU A 41 -0.22 21.36 11.77
C GLU A 41 1.22 21.49 12.30
N LYS A 42 1.52 20.80 13.41
CA LYS A 42 2.87 20.84 13.99
C LYS A 42 3.88 20.21 13.01
N ILE A 43 3.49 19.14 12.33
CA ILE A 43 4.36 18.51 11.33
C ILE A 43 4.64 19.48 10.16
N HIS A 44 3.59 20.17 9.70
CA HIS A 44 3.72 21.09 8.56
C HIS A 44 4.61 22.29 8.91
N ARG A 45 4.57 22.74 10.16
CA ARG A 45 5.42 23.85 10.57
C ARG A 45 6.87 23.38 10.68
N GLN A 46 7.12 22.16 11.20
CA GLN A 46 8.48 21.67 11.25
CA GLN A 46 8.48 21.63 11.25
C GLN A 46 8.97 21.44 9.81
N LEU A 47 8.07 20.98 8.92
CA LEU A 47 8.40 20.84 7.50
C LEU A 47 8.90 22.17 6.92
N ALA A 48 8.23 23.28 7.24
CA ALA A 48 8.56 24.60 6.75
C ALA A 48 9.96 25.01 7.24
N GLN A 49 10.26 24.68 8.48
CA GLN A 49 11.49 25.07 9.15
C GLN A 49 12.67 24.25 8.60
N LEU A 50 12.40 23.07 8.01
CA LEU A 50 13.42 22.32 7.27
C LEU A 50 13.59 22.81 5.83
N GLY A 51 12.85 23.85 5.44
CA GLY A 51 12.95 24.46 4.12
C GLY A 51 11.92 23.94 3.13
N GLY A 52 10.94 23.19 3.63
CA GLY A 52 9.82 22.67 2.81
C GLY A 52 10.20 21.39 2.08
N LEU A 53 9.21 20.77 1.42
CA LEU A 53 9.37 19.47 0.75
C LEU A 53 10.54 19.48 -0.25
N ASP A 54 10.62 20.51 -1.10
CA ASP A 54 11.61 20.46 -2.20
C ASP A 54 13.05 20.61 -1.67
N ALA A 55 13.22 21.17 -0.46
CA ALA A 55 14.52 21.25 0.20
C ALA A 55 14.93 19.92 0.86
N LEU A 56 14.00 18.98 1.02
CA LEU A 56 14.32 17.82 1.85
C LEU A 56 15.29 16.89 1.07
N ASP A 57 16.39 16.54 1.74
CA ASP A 57 17.39 15.58 1.26
C ASP A 57 17.24 14.32 2.11
N VAL A 58 16.82 13.23 1.48
CA VAL A 58 16.48 11.97 2.19
C VAL A 58 17.74 11.14 2.50
N GLY A 59 18.95 11.68 2.27
CA GLY A 59 20.22 11.05 2.59
C GLY A 59 20.26 10.30 3.92
N ARG A 60 19.77 10.95 4.97
CA ARG A 60 19.77 10.39 6.30
C ARG A 60 18.36 10.06 6.78
N TRP A 61 17.35 10.10 5.91
CA TRP A 61 16.00 9.71 6.24
C TRP A 61 15.82 8.23 5.86
N ARG A 62 15.97 7.34 6.83
CA ARG A 62 15.89 5.93 6.54
C ARG A 62 14.44 5.56 6.17
N VAL A 63 14.31 4.54 5.32
CA VAL A 63 12.99 3.96 5.02
C VAL A 63 12.54 3.22 6.29
N SER A 64 11.23 2.92 6.40
CA SER A 64 10.74 2.18 7.50
C SER A 64 10.37 0.76 7.07
N ASP A 65 9.71 0.03 7.98
CA ASP A 65 9.18 -1.29 7.76
C ASP A 65 8.35 -1.32 6.44
N ASP A 66 7.71 -0.21 6.09
CA ASP A 66 6.79 -0.22 4.90
C ASP A 66 7.60 -0.64 3.66
N THR A 67 8.73 0.03 3.43
CA THR A 67 9.54 -0.25 2.25
C THR A 67 10.22 -1.62 2.37
N VAL A 68 10.70 -1.93 3.56
CA VAL A 68 11.35 -3.19 3.75
C VAL A 68 10.40 -4.33 3.35
N MET A 69 9.12 -4.26 3.76
CA MET A 69 8.16 -5.29 3.50
C MET A 69 7.65 -5.18 2.05
N HIS A 70 7.60 -3.96 1.53
CA HIS A 70 7.21 -3.80 0.12
C HIS A 70 8.23 -4.43 -0.81
N LEU A 71 9.51 -4.20 -0.50
CA LEU A 71 10.58 -4.85 -1.25
C LEU A 71 10.51 -6.37 -1.10
N ALA A 72 10.12 -6.88 0.08
CA ALA A 72 10.04 -8.34 0.29
C ALA A 72 8.96 -8.95 -0.63
N THR A 73 7.81 -8.29 -0.70
CA THR A 73 6.75 -8.68 -1.64
C THR A 73 7.30 -8.72 -3.07
N ALA A 74 7.92 -7.60 -3.47
CA ALA A 74 8.37 -7.45 -4.81
C ALA A 74 9.40 -8.53 -5.15
N GLU A 75 10.39 -8.69 -4.25
CA GLU A 75 11.48 -9.66 -4.45
C GLU A 75 10.94 -11.10 -4.52
N ALA A 76 9.92 -11.44 -3.72
CA ALA A 76 9.25 -12.72 -3.80
C ALA A 76 8.56 -12.93 -5.17
N LEU A 77 7.82 -11.91 -5.61
CA LEU A 77 7.13 -11.97 -6.91
C LEU A 77 8.16 -12.19 -8.03
N VAL A 78 9.27 -11.45 -7.95
CA VAL A 78 10.25 -11.55 -8.97
C VAL A 78 10.82 -12.98 -8.97
N GLU A 79 11.16 -13.51 -7.79
CA GLU A 79 11.79 -14.83 -7.73
C GLU A 79 10.81 -15.91 -8.23
N ALA A 80 9.50 -15.71 -8.09
CA ALA A 80 8.53 -16.71 -8.47
C ALA A 80 8.50 -16.90 -10.01
N GLY A 81 8.79 -15.84 -10.77
CA GLY A 81 9.01 -15.94 -12.21
C GLY A 81 7.69 -15.99 -12.96
N LYS A 82 7.79 -16.38 -14.24
CA LYS A 82 6.68 -16.50 -15.15
C LYS A 82 5.86 -17.74 -14.81
N ALA A 83 4.53 -17.61 -14.93
CA ALA A 83 3.52 -18.64 -14.69
C ALA A 83 3.86 -19.46 -13.44
N PRO A 84 3.96 -18.84 -12.25
CA PRO A 84 4.35 -19.57 -11.05
C PRO A 84 3.23 -20.46 -10.49
N LYS A 85 3.61 -21.57 -9.88
CA LYS A 85 2.77 -22.26 -8.93
C LYS A 85 2.45 -21.28 -7.80
N LEU A 86 1.16 -21.09 -7.51
CA LEU A 86 0.78 -20.23 -6.40
C LEU A 86 1.33 -20.83 -5.10
N THR A 87 1.55 -22.15 -5.07
CA THR A 87 2.19 -22.81 -3.92
C THR A 87 3.62 -22.28 -3.72
N GLN A 88 4.38 -22.09 -4.80
CA GLN A 88 5.76 -21.61 -4.73
C GLN A 88 5.79 -20.12 -4.38
N LEU A 89 4.89 -19.34 -4.99
CA LEU A 89 4.80 -17.89 -4.73
C LEU A 89 4.56 -17.64 -3.22
N TYR A 90 3.64 -18.38 -2.63
CA TYR A 90 3.32 -18.23 -1.21
C TYR A 90 4.49 -18.70 -0.33
N TYR A 91 5.23 -19.74 -0.77
CA TYR A 91 6.46 -20.13 -0.07
C TYR A 91 7.44 -18.95 -0.05
N LEU A 92 7.63 -18.34 -1.23
CA LEU A 92 8.61 -17.28 -1.37
C LEU A 92 8.19 -16.00 -0.61
N LEU A 93 6.91 -15.62 -0.70
CA LEU A 93 6.42 -14.44 0.05
C LEU A 93 6.66 -14.66 1.55
N ALA A 94 6.34 -15.87 2.06
CA ALA A 94 6.50 -16.18 3.46
C ALA A 94 7.98 -16.06 3.83
N LYS A 95 8.81 -16.63 2.99
CA LYS A 95 10.24 -16.66 3.28
C LYS A 95 10.78 -15.23 3.29
N HIS A 96 10.41 -14.45 2.28
CA HIS A 96 10.91 -13.06 2.18
C HIS A 96 10.40 -12.22 3.36
N TYR A 97 9.14 -12.41 3.74
CA TYR A 97 8.56 -11.66 4.86
C TYR A 97 9.29 -12.01 6.17
N GLN A 98 9.46 -13.31 6.42
CA GLN A 98 10.11 -13.76 7.62
C GLN A 98 11.53 -13.19 7.68
N ASP A 99 12.25 -13.33 6.57
CA ASP A 99 13.67 -12.93 6.50
C ASP A 99 13.84 -11.41 6.65
N CYS A 100 12.88 -10.60 6.17
CA CYS A 100 13.03 -9.16 6.14
C CYS A 100 12.93 -8.59 7.56
N MET A 101 12.43 -9.37 8.53
CA MET A 101 12.32 -8.96 9.94
C MET A 101 13.70 -8.68 10.55
N GLU A 102 14.75 -9.21 9.92
CA GLU A 102 16.14 -8.93 10.35
C GLU A 102 16.55 -7.50 9.99
N ASP A 103 15.76 -6.79 9.17
CA ASP A 103 16.13 -5.44 8.69
C ASP A 103 15.13 -4.40 9.21
N MET A 104 14.77 -4.51 10.51
CA MET A 104 13.83 -3.58 11.06
C MET A 104 14.42 -2.69 12.15
N ASP A 105 15.78 -2.58 12.20
CA ASP A 105 16.42 -1.79 13.23
C ASP A 105 16.03 -0.31 13.08
N GLY A 106 15.39 0.23 14.10
CA GLY A 106 14.98 1.63 14.12
C GLY A 106 13.89 1.93 13.07
N ARG A 107 13.18 0.92 12.59
CA ARG A 107 12.21 1.13 11.47
C ARG A 107 10.77 1.01 11.95
N ALA A 108 10.57 0.77 13.25
CA ALA A 108 9.25 0.82 13.95
C ALA A 108 8.24 -0.06 13.22
N PRO A 109 8.52 -1.37 13.07
CA PRO A 109 7.54 -2.27 12.47
C PRO A 109 6.34 -2.52 13.40
N GLY A 110 5.24 -2.97 12.81
CA GLY A 110 4.02 -3.19 13.53
C GLY A 110 4.00 -4.55 14.22
N GLY A 111 3.06 -4.67 15.17
CA GLY A 111 2.92 -5.81 16.03
C GLY A 111 2.53 -7.05 15.26
N ALA A 112 1.52 -6.96 14.37
CA ALA A 112 1.05 -8.15 13.66
C ALA A 112 2.08 -8.59 12.63
N SER A 113 2.64 -7.61 11.90
CA SER A 113 3.68 -7.85 10.92
C SER A 113 4.80 -8.73 11.50
N VAL A 114 5.38 -8.24 12.58
CA VAL A 114 6.49 -8.94 13.29
C VAL A 114 6.08 -10.29 13.87
N HIS A 115 5.06 -10.31 14.71
CA HIS A 115 4.73 -11.48 15.43
C HIS A 115 4.47 -12.62 14.43
N ASN A 116 3.64 -12.33 13.44
CA ASN A 116 3.21 -13.34 12.50
C ASN A 116 4.32 -13.73 11.51
N ALA A 117 5.12 -12.79 11.00
CA ALA A 117 6.19 -13.12 10.07
C ALA A 117 7.12 -14.17 10.71
N MET A 118 7.35 -14.02 12.02
CA MET A 118 8.22 -14.94 12.82
C MET A 118 7.54 -16.29 13.09
N GLN A 119 6.22 -16.39 12.97
CA GLN A 119 5.46 -17.66 13.16
C GLN A 119 5.45 -18.50 11.87
N LEU A 120 5.71 -17.92 10.70
CA LEU A 120 5.49 -18.65 9.44
C LEU A 120 6.45 -19.84 9.33
N LYS A 121 6.01 -20.89 8.63
CA LYS A 121 6.86 -22.02 8.33
C LYS A 121 6.96 -22.17 6.82
N PRO A 122 7.77 -21.33 6.15
CA PRO A 122 7.91 -21.43 4.70
C PRO A 122 8.50 -22.83 4.45
N GLY A 123 7.98 -23.51 3.42
CA GLY A 123 8.50 -24.79 3.01
C GLY A 123 7.54 -25.91 3.32
N LYS A 124 6.75 -25.74 4.40
CA LYS A 124 5.80 -26.73 4.84
C LYS A 124 4.48 -26.50 4.12
N PRO A 125 3.85 -27.52 3.48
CA PRO A 125 2.53 -27.28 2.89
C PRO A 125 1.66 -26.41 3.81
N ASN A 126 1.13 -25.31 3.26
CA ASN A 126 0.23 -24.38 3.97
C ASN A 126 0.92 -23.76 5.19
N GLY A 127 2.25 -23.75 5.22
CA GLY A 127 3.00 -23.28 6.39
C GLY A 127 3.00 -21.76 6.49
N TRP A 128 2.39 -21.10 5.49
CA TRP A 128 2.36 -19.64 5.50
C TRP A 128 0.97 -19.15 5.92
N ARG A 129 0.10 -20.07 6.35
CA ARG A 129 -1.21 -19.68 6.83
C ARG A 129 -1.16 -19.53 8.35
N ILE A 130 -1.96 -18.60 8.86
CA ILE A 130 -2.15 -18.35 10.27
C ILE A 130 -3.66 -18.35 10.53
N PRO A 131 -4.12 -18.52 11.78
CA PRO A 131 -5.54 -18.43 12.09
C PRO A 131 -6.06 -16.99 12.13
N PHE A 132 -7.39 -16.84 12.02
CA PHE A 132 -8.06 -15.57 12.12
C PHE A 132 -7.70 -14.92 13.45
N ASN A 133 -7.65 -13.58 13.52
CA ASN A 133 -7.42 -12.87 14.78
C ASN A 133 -8.08 -11.48 14.76
N SER A 134 -8.74 -11.10 15.88
CA SER A 134 -9.48 -9.80 16.03
C SER A 134 -8.57 -8.58 15.97
N HIS A 135 -7.29 -8.73 16.31
CA HIS A 135 -6.34 -7.60 16.36
C HIS A 135 -5.48 -7.49 15.11
N GLU A 136 -5.92 -8.09 13.99
CA GLU A 136 -5.07 -8.22 12.79
C GLU A 136 -5.63 -7.36 11.64
N GLY A 137 -6.23 -6.21 11.97
CA GLY A 137 -6.78 -5.29 10.99
C GLY A 137 -5.92 -4.07 10.73
N GLY A 138 -4.65 -4.07 11.20
CA GLY A 138 -3.70 -3.00 10.92
C GLY A 138 -3.36 -2.89 9.45
N CYS A 139 -2.62 -1.84 9.08
CA CYS A 139 -2.28 -1.53 7.68
C CYS A 139 -1.01 -2.23 7.18
N GLY A 140 -0.41 -3.12 8.00
CA GLY A 140 0.84 -3.80 7.64
C GLY A 140 0.73 -4.66 6.39
N ALA A 141 -0.47 -5.15 6.05
CA ALA A 141 -0.67 -5.89 4.82
C ALA A 141 -0.84 -4.92 3.64
N ALA A 142 -1.57 -3.84 3.84
CA ALA A 142 -1.86 -2.89 2.76
C ALA A 142 -0.59 -2.17 2.32
N MET A 143 0.31 -1.90 3.28
CA MET A 143 1.45 -1.04 3.00
C MET A 143 2.45 -1.72 2.07
N ARG A 144 2.34 -3.05 1.89
CA ARG A 144 3.37 -3.83 1.24
C ARG A 144 2.84 -4.58 0.00
N ALA A 145 1.62 -4.27 -0.43
CA ALA A 145 0.91 -5.13 -1.39
C ALA A 145 0.88 -4.48 -2.78
N MET A 146 1.24 -3.18 -2.89
CA MET A 146 1.01 -2.41 -4.16
C MET A 146 1.62 -3.16 -5.36
N CYS A 147 2.84 -3.68 -5.20
CA CYS A 147 3.58 -4.29 -6.35
C CYS A 147 2.94 -5.60 -6.84
N ILE A 148 1.93 -6.13 -6.13
CA ILE A 148 1.14 -7.26 -6.67
C ILE A 148 0.33 -6.81 -7.90
N GLY A 149 -0.08 -5.53 -7.90
CA GLY A 149 -0.82 -4.94 -9.00
C GLY A 149 0.09 -4.65 -10.19
N LEU A 150 1.38 -4.38 -9.90
CA LEU A 150 2.42 -4.26 -10.95
C LEU A 150 2.67 -5.64 -11.57
N ARG A 151 2.68 -6.69 -10.75
CA ARG A 151 2.98 -8.05 -11.25
C ARG A 151 1.81 -8.60 -12.09
N PHE A 152 0.58 -8.31 -11.66
CA PHE A 152 -0.61 -8.90 -12.23
C PHE A 152 -1.58 -7.80 -12.66
N PRO A 153 -1.20 -6.90 -13.59
CA PRO A 153 -2.06 -5.75 -13.93
C PRO A 153 -3.18 -6.02 -14.94
N HIS A 154 -3.13 -7.15 -15.65
CA HIS A 154 -4.03 -7.41 -16.78
C HIS A 154 -5.39 -7.92 -16.29
N HIS A 155 -6.44 -7.64 -17.06
CA HIS A 155 -7.81 -7.95 -16.62
C HIS A 155 -7.97 -9.46 -16.36
N SER A 156 -7.38 -10.27 -17.25
CA SER A 156 -7.43 -11.72 -17.18
C SER A 156 -6.89 -12.23 -15.83
N GLN A 157 -6.04 -11.42 -15.18
CA GLN A 157 -5.33 -11.81 -13.97
C GLN A 157 -6.06 -11.36 -12.71
N LEU A 158 -7.29 -10.85 -12.84
CA LEU A 158 -7.93 -10.24 -11.68
C LEU A 158 -8.06 -11.24 -10.53
N ASP A 159 -8.43 -12.49 -10.88
CA ASP A 159 -8.59 -13.55 -9.91
C ASP A 159 -7.25 -13.81 -9.19
N THR A 160 -6.13 -13.69 -9.90
CA THR A 160 -4.83 -13.84 -9.30
C THR A 160 -4.57 -12.67 -8.35
N LEU A 161 -4.78 -11.44 -8.82
CA LEU A 161 -4.53 -10.31 -8.01
C LEU A 161 -5.33 -10.44 -6.71
N ILE A 162 -6.62 -10.81 -6.83
CA ILE A 162 -7.48 -10.95 -5.64
C ILE A 162 -6.84 -11.97 -4.66
N GLN A 163 -6.49 -13.15 -5.16
CA GLN A 163 -6.05 -14.26 -4.31
C GLN A 163 -4.70 -13.93 -3.67
N VAL A 164 -3.79 -13.40 -4.49
CA VAL A 164 -2.42 -13.19 -4.08
C VAL A 164 -2.39 -12.02 -3.09
N SER A 165 -3.18 -10.96 -3.36
CA SER A 165 -3.19 -9.83 -2.45
C SER A 165 -3.75 -10.27 -1.10
N ILE A 166 -4.83 -11.06 -1.13
CA ILE A 166 -5.46 -11.51 0.11
C ILE A 166 -4.52 -12.46 0.89
N GLU A 167 -3.92 -13.45 0.22
CA GLU A 167 -3.10 -14.46 0.92
C GLU A 167 -1.77 -13.84 1.38
N SER A 168 -1.14 -12.97 0.58
CA SER A 168 0.05 -12.22 1.05
C SER A 168 -0.32 -11.44 2.32
N GLY A 169 -1.55 -10.89 2.33
CA GLY A 169 -2.01 -10.09 3.42
C GLY A 169 -2.24 -10.90 4.69
N ARG A 170 -2.90 -12.05 4.54
CA ARG A 170 -3.32 -12.80 5.70
C ARG A 170 -2.22 -13.78 6.14
N MET A 171 -1.01 -13.64 5.58
CA MET A 171 0.16 -14.28 6.18
C MET A 171 0.53 -13.58 7.50
N THR A 172 0.13 -12.31 7.63
CA THR A 172 0.33 -11.58 8.87
C THR A 172 -0.95 -10.97 9.43
N HIS A 173 -1.98 -10.75 8.58
CA HIS A 173 -3.14 -9.97 8.94
C HIS A 173 -4.42 -10.75 8.56
N HIS A 174 -4.76 -11.79 9.34
CA HIS A 174 -5.90 -12.67 9.01
C HIS A 174 -7.14 -12.10 9.68
N HIS A 175 -7.56 -10.98 9.09
CA HIS A 175 -8.73 -10.19 9.42
C HIS A 175 -9.10 -9.39 8.18
N PRO A 176 -10.38 -9.41 7.73
CA PRO A 176 -10.72 -8.78 6.45
C PRO A 176 -10.37 -7.28 6.39
N THR A 177 -10.37 -6.59 7.54
CA THR A 177 -9.99 -5.19 7.59
C THR A 177 -8.52 -5.09 7.17
N GLY A 178 -7.72 -6.09 7.60
CA GLY A 178 -6.30 -6.16 7.23
C GLY A 178 -6.11 -6.49 5.76
N TYR A 179 -6.58 -7.67 5.32
CA TYR A 179 -6.18 -8.18 4.03
C TYR A 179 -6.96 -7.49 2.90
N LEU A 180 -8.15 -6.93 3.17
CA LEU A 180 -8.84 -6.15 2.12
C LEU A 180 -8.06 -4.86 1.85
N GLY A 181 -7.33 -4.36 2.85
CA GLY A 181 -6.34 -3.27 2.62
C GLY A 181 -5.33 -3.62 1.53
N ALA A 182 -4.83 -4.85 1.58
CA ALA A 182 -3.87 -5.33 0.61
C ALA A 182 -4.52 -5.42 -0.77
N LEU A 183 -5.77 -5.92 -0.80
CA LEU A 183 -6.58 -5.96 -2.05
C LEU A 183 -6.63 -4.55 -2.62
N ALA A 184 -7.01 -3.56 -1.79
CA ALA A 184 -7.18 -2.23 -2.36
C ALA A 184 -5.83 -1.72 -2.88
N SER A 185 -4.75 -1.96 -2.12
CA SER A 185 -3.40 -1.49 -2.51
C SER A 185 -2.96 -2.04 -3.85
N ALA A 186 -3.10 -3.36 -4.02
CA ALA A 186 -2.72 -4.01 -5.22
C ALA A 186 -3.63 -3.59 -6.38
N LEU A 187 -4.95 -3.68 -6.14
CA LEU A 187 -5.99 -3.42 -7.15
C LEU A 187 -5.79 -2.04 -7.77
N PHE A 188 -5.63 -1.01 -6.93
CA PHE A 188 -5.48 0.37 -7.42
C PHE A 188 -4.16 0.55 -8.19
N THR A 189 -3.11 -0.19 -7.79
CA THR A 189 -1.86 -0.15 -8.54
C THR A 189 -2.14 -0.69 -9.95
N ALA A 190 -2.94 -1.75 -10.04
CA ALA A 190 -3.26 -2.33 -11.32
C ALA A 190 -4.02 -1.29 -12.14
N TYR A 191 -5.01 -0.65 -11.51
CA TYR A 191 -5.81 0.41 -12.19
C TYR A 191 -4.90 1.53 -12.71
N ALA A 192 -3.91 1.91 -11.90
CA ALA A 192 -2.98 2.97 -12.27
C ALA A 192 -2.12 2.48 -13.45
N VAL A 193 -1.68 1.22 -13.42
CA VAL A 193 -0.88 0.66 -14.52
C VAL A 193 -1.62 0.87 -15.84
N ASN A 194 -2.94 0.63 -15.80
CA ASN A 194 -3.82 0.62 -16.97
C ASN A 194 -4.41 2.01 -17.26
N SER A 195 -3.90 3.06 -16.62
CA SER A 195 -4.29 4.47 -16.82
C SER A 195 -5.77 4.66 -16.54
N ARG A 196 -6.38 3.79 -15.72
CA ARG A 196 -7.77 3.93 -15.36
C ARG A 196 -7.90 5.19 -14.49
N PRO A 197 -8.77 6.16 -14.84
CA PRO A 197 -8.75 7.43 -14.11
C PRO A 197 -9.10 7.18 -12.64
N PRO A 198 -8.39 7.84 -11.69
CA PRO A 198 -8.59 7.56 -10.26
C PRO A 198 -10.02 7.66 -9.71
N LEU A 199 -10.82 8.57 -10.27
CA LEU A 199 -12.24 8.73 -9.86
C LEU A 199 -13.06 7.44 -10.05
N GLN A 200 -12.59 6.49 -10.87
CA GLN A 200 -13.25 5.14 -11.02
C GLN A 200 -12.77 4.09 -9.99
N TRP A 201 -11.66 4.32 -9.31
CA TRP A 201 -11.05 3.22 -8.54
C TRP A 201 -11.98 2.67 -7.44
N GLY A 202 -12.57 3.55 -6.64
CA GLY A 202 -13.42 3.14 -5.49
C GLY A 202 -14.57 2.21 -5.87
N LYS A 203 -15.33 2.59 -6.90
CA LYS A 203 -16.41 1.77 -7.43
C LYS A 203 -15.86 0.38 -7.81
N GLY A 204 -14.71 0.36 -8.50
CA GLY A 204 -14.06 -0.86 -8.87
C GLY A 204 -13.85 -1.79 -7.68
N LEU A 205 -13.37 -1.23 -6.57
CA LEU A 205 -13.10 -2.01 -5.38
C LEU A 205 -14.42 -2.56 -4.82
N MET A 206 -15.48 -1.73 -4.84
CA MET A 206 -16.80 -2.09 -4.21
C MET A 206 -17.41 -3.26 -4.99
N GLU A 207 -17.12 -3.32 -6.28
CA GLU A 207 -17.61 -4.35 -7.16
C GLU A 207 -16.82 -5.65 -6.98
N LEU A 208 -15.57 -5.57 -6.55
CA LEU A 208 -14.72 -6.75 -6.43
C LEU A 208 -14.81 -7.39 -5.04
N LEU A 209 -15.24 -6.62 -4.03
CA LEU A 209 -15.36 -7.15 -2.67
C LEU A 209 -16.23 -8.41 -2.60
N PRO A 210 -17.39 -8.51 -3.30
CA PRO A 210 -18.12 -9.78 -3.34
C PRO A 210 -17.33 -10.95 -3.95
N GLU A 211 -16.43 -10.67 -4.90
CA GLU A 211 -15.59 -11.68 -5.50
C GLU A 211 -14.53 -12.12 -4.48
N ALA A 212 -13.96 -11.15 -3.76
CA ALA A 212 -13.04 -11.44 -2.67
C ALA A 212 -13.74 -12.34 -1.65
N LYS A 213 -15.00 -12.01 -1.33
CA LYS A 213 -15.75 -12.81 -0.37
C LYS A 213 -15.86 -14.26 -0.87
N LYS A 214 -16.25 -14.45 -2.14
CA LYS A 214 -16.40 -15.80 -2.74
C LYS A 214 -15.09 -16.60 -2.59
N TYR A 215 -13.95 -15.94 -2.76
CA TYR A 215 -12.64 -16.59 -2.58
C TYR A 215 -12.42 -17.04 -1.13
N ILE A 216 -12.60 -16.11 -0.20
CA ILE A 216 -12.45 -16.37 1.22
C ILE A 216 -13.34 -17.57 1.61
N VAL A 217 -14.57 -17.59 1.07
CA VAL A 217 -15.50 -18.68 1.35
C VAL A 217 -14.97 -19.99 0.77
N GLN A 218 -14.54 -20.01 -0.50
CA GLN A 218 -14.18 -21.29 -1.07
C GLN A 218 -12.89 -21.78 -0.42
N SER A 219 -12.05 -20.86 0.03
CA SER A 219 -10.74 -21.20 0.61
C SER A 219 -10.94 -22.11 1.83
N GLY A 220 -11.95 -21.79 2.64
CA GLY A 220 -12.45 -22.68 3.68
C GLY A 220 -11.86 -22.38 5.05
N TYR A 221 -10.96 -21.38 5.16
CA TYR A 221 -10.29 -21.03 6.43
C TYR A 221 -11.06 -19.95 7.21
N PHE A 222 -11.49 -20.30 8.43
CA PHE A 222 -12.14 -19.41 9.39
C PHE A 222 -13.24 -18.58 8.72
N VAL A 223 -14.07 -19.23 7.91
CA VAL A 223 -15.07 -18.53 7.08
C VAL A 223 -16.06 -17.81 7.99
N GLU A 224 -16.55 -18.50 9.02
CA GLU A 224 -17.48 -17.91 10.01
C GLU A 224 -16.95 -16.54 10.48
N GLU A 225 -15.69 -16.52 10.93
CA GLU A 225 -15.10 -15.32 11.52
C GLU A 225 -14.90 -14.23 10.44
N ASN A 226 -14.39 -14.65 9.28
CA ASN A 226 -14.10 -13.73 8.20
C ASN A 226 -15.39 -13.02 7.78
N LEU A 227 -16.47 -13.79 7.61
CA LEU A 227 -17.75 -13.23 7.17
C LEU A 227 -18.27 -12.25 8.22
N GLN A 228 -18.11 -12.56 9.51
CA GLN A 228 -18.78 -11.79 10.55
C GLN A 228 -18.13 -10.41 10.69
N HIS A 229 -16.82 -10.32 10.39
CA HIS A 229 -16.10 -9.05 10.42
C HIS A 229 -16.08 -8.34 9.06
N TRP A 230 -16.56 -8.96 7.99
CA TRP A 230 -16.43 -8.45 6.61
C TRP A 230 -17.02 -7.03 6.42
N SER A 231 -18.15 -6.73 7.08
CA SER A 231 -18.94 -5.50 6.83
C SER A 231 -18.19 -4.21 7.23
N TYR A 232 -17.26 -4.27 8.17
CA TYR A 232 -16.60 -3.04 8.61
C TYR A 232 -15.85 -2.33 7.47
N PHE A 233 -14.98 -3.08 6.76
CA PHE A 233 -14.20 -2.52 5.65
C PHE A 233 -15.16 -1.94 4.61
N GLN A 234 -16.06 -2.79 4.11
CA GLN A 234 -16.99 -2.44 3.05
C GLN A 234 -17.75 -1.18 3.44
N THR A 235 -18.25 -1.12 4.68
CA THR A 235 -19.10 -0.06 5.12
C THR A 235 -18.30 1.25 5.14
N LYS A 236 -17.06 1.18 5.64
CA LYS A 236 -16.25 2.35 5.71
C LYS A 236 -15.94 2.91 4.30
N TRP A 237 -15.69 2.02 3.33
CA TRP A 237 -15.39 2.46 1.97
C TRP A 237 -16.64 3.02 1.30
N GLU A 238 -17.79 2.37 1.51
CA GLU A 238 -19.04 2.83 0.89
C GLU A 238 -19.27 4.28 1.32
N ASN A 239 -19.31 4.47 2.65
CA ASN A 239 -19.50 5.70 3.32
C ASN A 239 -18.52 6.75 2.80
N TYR A 240 -17.25 6.38 2.63
CA TYR A 240 -16.25 7.34 2.17
C TYR A 240 -16.53 7.74 0.72
N LEU A 241 -16.87 6.78 -0.15
CA LEU A 241 -17.05 7.10 -1.55
C LEU A 241 -18.32 7.95 -1.70
N LYS A 242 -19.34 7.65 -0.90
CA LYS A 242 -20.58 8.46 -0.80
C LYS A 242 -20.21 9.91 -0.47
N LEU A 243 -19.39 10.08 0.58
CA LEU A 243 -18.97 11.41 1.03
C LEU A 243 -18.30 12.21 -0.09
N ARG A 244 -17.48 11.56 -0.91
CA ARG A 244 -16.67 12.21 -1.94
C ARG A 244 -17.39 12.26 -3.29
N GLY A 245 -18.60 11.67 -3.37
CA GLY A 245 -19.43 11.71 -4.58
C GLY A 245 -18.88 10.89 -5.74
N ILE A 246 -18.16 9.79 -5.46
CA ILE A 246 -17.53 8.97 -6.50
C ILE A 246 -18.02 7.51 -6.40
N LEU A 247 -19.14 7.29 -5.71
CA LEU A 247 -19.73 5.96 -5.58
C LEU A 247 -20.10 5.40 -6.96
N ASP A 248 -20.48 6.26 -7.91
CA ASP A 248 -20.93 5.83 -9.25
C ASP A 248 -19.73 5.62 -10.20
N GLY A 249 -18.55 6.08 -9.77
CA GLY A 249 -17.29 5.91 -10.49
C GLY A 249 -17.26 6.57 -11.86
N GLU A 250 -18.15 7.54 -12.09
CA GLU A 250 -18.20 8.27 -13.38
C GLU A 250 -18.00 9.76 -13.14
N SER A 251 -17.89 10.14 -11.86
CA SER A 251 -18.13 11.47 -11.43
C SER A 251 -16.86 11.99 -10.71
N ALA A 252 -16.47 13.24 -11.01
CA ALA A 252 -15.22 13.79 -10.42
C ALA A 252 -15.44 14.03 -8.93
N PRO A 253 -14.41 13.89 -8.08
CA PRO A 253 -14.62 13.90 -6.64
C PRO A 253 -14.97 15.33 -6.19
N THR A 254 -15.76 15.42 -5.11
CA THR A 254 -16.11 16.67 -4.47
C THR A 254 -15.38 16.75 -3.13
N PHE A 255 -14.56 17.79 -2.97
CA PHE A 255 -13.86 18.08 -1.71
C PHE A 255 -14.43 19.32 -1.04
N PRO A 256 -14.42 19.36 0.30
CA PRO A 256 -14.96 20.50 1.03
C PRO A 256 -14.20 21.78 0.66
N GLU A 257 -14.87 22.91 0.84
CA GLU A 257 -14.26 24.23 0.62
C GLU A 257 -13.02 24.38 1.50
N SER A 258 -13.17 23.96 2.76
CA SER A 258 -12.20 24.14 3.80
C SER A 258 -11.56 22.78 4.10
N PHE A 259 -10.36 22.56 3.57
CA PHE A 259 -9.74 21.23 3.64
C PHE A 259 -8.22 21.38 3.64
N GLY A 260 -7.74 22.23 4.56
CA GLY A 260 -6.34 22.44 4.87
C GLY A 260 -5.82 21.35 5.79
N VAL A 261 -4.64 21.58 6.37
CA VAL A 261 -3.90 20.60 7.12
C VAL A 261 -4.72 20.16 8.33
N LYS A 262 -5.27 21.14 9.05
CA LYS A 262 -6.01 20.89 10.28
C LYS A 262 -7.29 20.09 9.98
N GLU A 263 -8.00 20.46 8.92
CA GLU A 263 -9.27 19.78 8.55
C GLU A 263 -8.98 18.34 8.10
N ARG A 264 -7.85 18.14 7.41
CA ARG A 264 -7.45 16.80 6.94
C ARG A 264 -7.19 15.87 8.13
N ASP A 265 -6.48 16.36 9.14
CA ASP A 265 -6.20 15.55 10.33
C ASP A 265 -7.52 15.05 10.95
N GLN A 266 -8.48 15.94 11.13
CA GLN A 266 -9.73 15.59 11.79
C GLN A 266 -10.51 14.58 10.93
N PHE A 267 -10.51 14.81 9.63
CA PHE A 267 -11.10 13.87 8.66
C PHE A 267 -10.40 12.51 8.74
N TYR A 268 -9.06 12.49 8.73
CA TYR A 268 -8.34 11.25 8.82
C TYR A 268 -8.75 10.55 10.12
N THR A 269 -8.93 11.30 11.21
CA THR A 269 -9.30 10.68 12.51
C THR A 269 -10.69 10.03 12.41
N SER A 270 -11.62 10.66 11.69
CA SER A 270 -13.02 10.17 11.52
C SER A 270 -13.05 8.89 10.66
N LEU A 271 -12.04 8.72 9.79
CA LEU A 271 -11.94 7.49 8.99
C LEU A 271 -11.44 6.33 9.85
N SER A 272 -10.74 6.63 10.95
CA SER A 272 -9.93 5.66 11.68
C SER A 272 -10.79 4.67 12.49
N TYR A 273 -10.19 3.51 12.76
CA TYR A 273 -10.77 2.46 13.60
C TYR A 273 -10.94 2.96 15.02
N SER A 274 -9.86 3.48 15.61
CA SER A 274 -9.89 3.84 17.01
C SER A 274 -9.16 5.17 17.27
N GLY A 275 -9.06 6.03 16.26
CA GLY A 275 -8.58 7.40 16.46
C GLY A 275 -7.26 7.72 15.75
N TRP A 276 -6.61 6.73 15.12
CA TRP A 276 -5.30 6.93 14.52
C TRP A 276 -5.34 6.74 12.99
N GLY A 277 -5.42 7.87 12.28
CA GLY A 277 -5.67 7.92 10.88
C GLY A 277 -4.60 7.19 10.10
N GLY A 278 -5.06 6.22 9.29
CA GLY A 278 -4.25 5.45 8.38
C GLY A 278 -3.49 4.28 9.00
N SER A 279 -3.81 3.90 10.25
CA SER A 279 -3.13 2.84 10.98
C SER A 279 -3.67 1.48 10.59
N SER A 280 -4.88 1.43 9.98
CA SER A 280 -5.60 0.17 9.70
C SER A 280 -5.65 -0.14 8.20
N GLY A 281 -6.05 -1.37 7.87
CA GLY A 281 -6.14 -1.79 6.49
C GLY A 281 -7.21 -1.05 5.67
N HIS A 282 -8.27 -0.56 6.30
CA HIS A 282 -9.27 0.20 5.56
C HIS A 282 -8.84 1.65 5.26
N ASP A 283 -8.25 2.36 6.24
CA ASP A 283 -8.06 3.81 6.11
C ASP A 283 -6.68 4.14 5.52
N ALA A 284 -5.67 3.27 5.64
CA ALA A 284 -4.35 3.59 5.02
C ALA A 284 -4.51 3.81 3.52
N PRO A 285 -5.13 2.86 2.78
CA PRO A 285 -5.32 3.06 1.34
C PRO A 285 -6.34 4.15 1.02
N MET A 286 -7.31 4.34 1.92
CA MET A 286 -8.37 5.36 1.77
C MET A 286 -7.76 6.77 1.82
N ILE A 287 -6.83 7.00 2.76
CA ILE A 287 -6.20 8.34 2.87
C ILE A 287 -5.31 8.55 1.64
N ALA A 288 -4.55 7.52 1.25
CA ALA A 288 -3.71 7.59 0.07
C ALA A 288 -4.57 7.93 -1.17
N TYR A 289 -5.77 7.34 -1.21
CA TYR A 289 -6.67 7.50 -2.32
C TYR A 289 -7.19 8.93 -2.33
N ASP A 290 -7.58 9.42 -1.15
CA ASP A 290 -8.05 10.80 -0.98
C ASP A 290 -6.97 11.79 -1.40
N ALA A 291 -5.70 11.50 -1.06
CA ALA A 291 -4.61 12.35 -1.48
C ALA A 291 -4.46 12.34 -2.99
N VAL A 292 -4.52 11.14 -3.58
CA VAL A 292 -4.27 10.99 -5.00
C VAL A 292 -5.35 11.78 -5.78
N LEU A 293 -6.58 11.71 -5.27
CA LEU A 293 -7.72 12.32 -5.98
C LEU A 293 -7.58 13.85 -5.95
N ALA A 294 -7.05 14.40 -4.85
CA ALA A 294 -6.90 15.84 -4.71
C ALA A 294 -5.66 16.33 -5.46
N ALA A 295 -4.63 15.48 -5.59
CA ALA A 295 -3.25 15.92 -5.92
C ALA A 295 -3.06 16.11 -7.42
N GLY A 296 -3.76 15.28 -8.21
CA GLY A 296 -3.50 15.18 -9.64
C GLY A 296 -2.01 15.01 -9.87
N ASP A 297 -1.43 15.78 -10.80
CA ASP A 297 -0.02 15.61 -11.19
C ASP A 297 0.95 16.34 -10.25
N SER A 298 0.52 16.72 -9.04
CA SER A 298 1.38 17.46 -8.12
C SER A 298 1.90 16.55 -7.01
N TRP A 299 3.22 16.34 -7.01
CA TRP A 299 3.90 15.56 -5.99
C TRP A 299 3.88 16.29 -4.66
N LYS A 300 4.04 17.62 -4.70
CA LYS A 300 3.99 18.42 -3.51
C LYS A 300 2.61 18.27 -2.85
N GLU A 301 1.53 18.40 -3.65
CA GLU A 301 0.20 18.26 -3.12
C GLU A 301 -0.01 16.88 -2.51
N LEU A 302 0.39 15.83 -3.25
CA LEU A 302 0.25 14.47 -2.76
C LEU A 302 0.98 14.37 -1.41
N ALA A 303 2.20 14.88 -1.36
CA ALA A 303 3.05 14.82 -0.14
C ALA A 303 2.40 15.55 1.05
N HIS A 304 1.89 16.78 0.82
CA HIS A 304 1.25 17.58 1.89
C HIS A 304 0.01 16.85 2.45
N ARG A 305 -0.65 16.02 1.64
CA ARG A 305 -1.87 15.33 2.05
C ARG A 305 -1.60 13.91 2.59
N ALA A 306 -0.61 13.21 2.03
CA ALA A 306 -0.45 11.76 2.33
C ALA A 306 0.84 11.46 3.14
N PHE A 307 1.83 12.36 3.11
CA PHE A 307 3.13 12.13 3.78
C PHE A 307 3.21 12.84 5.13
N PHE A 308 2.47 13.94 5.30
CA PHE A 308 2.62 14.86 6.43
C PHE A 308 1.25 15.10 7.05
N HIS A 309 0.93 14.26 8.03
CA HIS A 309 -0.28 14.28 8.79
C HIS A 309 -0.01 13.55 10.11
N GLY A 310 -0.92 13.71 11.08
CA GLY A 310 -0.72 13.29 12.46
C GLY A 310 -0.91 11.78 12.67
N GLY A 311 -1.32 11.03 11.64
CA GLY A 311 -1.52 9.57 11.74
C GLY A 311 -0.31 8.79 11.27
N ASP A 312 -0.54 7.60 10.69
CA ASP A 312 0.46 6.70 10.19
C ASP A 312 0.82 7.11 8.75
N SER A 313 1.53 8.23 8.70
CA SER A 313 1.88 8.93 7.47
C SER A 313 2.89 8.14 6.63
N ASP A 314 3.78 7.38 7.27
CA ASP A 314 4.70 6.50 6.56
C ASP A 314 3.89 5.53 5.67
N SER A 315 2.84 4.92 6.23
CA SER A 315 2.07 3.91 5.50
C SER A 315 1.19 4.52 4.41
N THR A 316 0.55 5.64 4.73
CA THR A 316 -0.25 6.36 3.74
C THR A 316 0.68 6.83 2.62
N ALA A 317 1.89 7.29 2.98
CA ALA A 317 2.83 7.75 1.98
C ALA A 317 3.31 6.60 1.09
N ALA A 318 3.59 5.46 1.69
CA ALA A 318 4.12 4.33 0.93
C ALA A 318 3.12 3.99 -0.19
N ILE A 319 1.85 3.91 0.17
CA ILE A 319 0.78 3.52 -0.71
C ILE A 319 0.60 4.61 -1.79
N ALA A 320 0.45 5.87 -1.36
CA ALA A 320 0.15 6.97 -2.26
C ALA A 320 1.33 7.19 -3.24
N GLY A 321 2.56 7.09 -2.73
CA GLY A 321 3.71 7.34 -3.54
C GLY A 321 3.86 6.32 -4.65
N CYS A 322 3.43 5.08 -4.38
CA CYS A 322 3.50 4.01 -5.35
C CYS A 322 2.48 4.30 -6.48
N TRP A 323 1.21 4.49 -6.10
CA TRP A 323 0.13 4.78 -7.05
C TRP A 323 0.52 5.99 -7.89
N TRP A 324 0.94 7.05 -7.20
CA TRP A 324 1.21 8.33 -7.85
C TRP A 324 2.36 8.13 -8.86
N GLY A 325 3.44 7.46 -8.43
CA GLY A 325 4.60 7.16 -9.34
C GLY A 325 4.18 6.36 -10.58
N VAL A 326 3.24 5.42 -10.44
CA VAL A 326 2.73 4.62 -11.59
C VAL A 326 2.14 5.56 -12.64
N MET A 327 1.32 6.52 -12.17
CA MET A 327 0.61 7.42 -13.05
C MET A 327 1.54 8.50 -13.63
N TYR A 328 2.43 9.06 -12.82
CA TYR A 328 3.08 10.34 -13.19
C TYR A 328 4.62 10.26 -13.30
N GLY A 329 5.22 9.10 -13.06
CA GLY A 329 6.70 8.98 -13.09
C GLY A 329 7.34 9.85 -12.03
N PHE A 330 8.47 10.48 -12.39
CA PHE A 330 9.16 11.42 -11.52
C PHE A 330 8.87 12.90 -11.85
N LYS A 331 7.77 13.21 -12.54
CA LYS A 331 7.59 14.61 -13.03
C LYS A 331 7.33 15.56 -11.86
N GLY A 332 8.19 16.58 -11.69
CA GLY A 332 8.00 17.62 -10.70
C GLY A 332 8.58 17.25 -9.34
N VAL A 333 9.19 16.07 -9.21
CA VAL A 333 9.75 15.60 -7.92
C VAL A 333 11.14 16.19 -7.76
N SER A 334 11.41 16.85 -6.62
CA SER A 334 12.74 17.35 -6.31
C SER A 334 13.72 16.17 -6.25
N PRO A 335 14.86 16.17 -6.99
CA PRO A 335 15.83 15.07 -6.89
C PRO A 335 16.33 14.79 -5.47
N SER A 336 16.45 15.81 -4.62
CA SER A 336 16.91 15.63 -3.26
C SER A 336 15.98 14.67 -2.48
N ASN A 337 14.72 14.58 -2.89
CA ASN A 337 13.74 13.69 -2.28
C ASN A 337 13.95 12.19 -2.59
N TYR A 338 14.78 11.80 -3.57
CA TYR A 338 15.00 10.35 -3.84
C TYR A 338 16.44 9.99 -4.22
N GLU A 339 17.29 10.95 -4.57
CA GLU A 339 18.59 10.62 -5.16
C GLU A 339 19.44 9.75 -4.21
N LYS A 340 19.45 10.10 -2.93
CA LYS A 340 20.20 9.32 -1.94
C LYS A 340 19.25 8.52 -1.05
N LEU A 341 18.12 8.09 -1.59
CA LEU A 341 17.16 7.30 -0.83
C LEU A 341 17.74 5.91 -0.58
N GLU A 342 17.70 5.48 0.69
CA GLU A 342 18.09 4.12 1.06
C GLU A 342 17.47 3.11 0.10
N TYR A 343 18.29 2.14 -0.36
CA TYR A 343 17.83 1.03 -1.25
C TYR A 343 17.41 1.48 -2.67
N ARG A 344 17.73 2.70 -3.08
CA ARG A 344 17.34 3.18 -4.42
C ARG A 344 17.70 2.16 -5.53
N ASN A 345 18.95 1.72 -5.57
CA ASN A 345 19.44 0.79 -6.62
C ASN A 345 18.65 -0.54 -6.60
N ARG A 346 18.42 -1.05 -5.40
CA ARG A 346 17.67 -2.23 -5.16
C ARG A 346 16.24 -2.06 -5.67
N LEU A 347 15.63 -0.91 -5.35
CA LEU A 347 14.26 -0.63 -5.73
C LEU A 347 14.17 -0.53 -7.26
N GLU A 348 15.17 0.07 -7.90
CA GLU A 348 15.12 0.25 -9.35
C GLU A 348 15.19 -1.13 -10.02
N GLU A 349 16.04 -2.00 -9.46
CA GLU A 349 16.35 -3.29 -10.07
C GLU A 349 15.12 -4.21 -9.97
N THR A 350 14.46 -4.21 -8.80
CA THR A 350 13.25 -5.00 -8.60
CA THR A 350 13.28 -5.05 -8.66
C THR A 350 12.14 -4.52 -9.55
N ALA A 351 12.01 -3.18 -9.65
CA ALA A 351 11.04 -2.53 -10.55
C ALA A 351 11.22 -3.03 -11.99
N ARG A 352 12.46 -2.97 -12.50
CA ARG A 352 12.75 -3.45 -13.85
C ARG A 352 12.29 -4.90 -14.02
N ALA A 353 12.60 -5.73 -13.02
CA ALA A 353 12.29 -7.15 -13.04
C ALA A 353 10.78 -7.36 -12.96
N LEU A 354 10.11 -6.54 -12.13
CA LEU A 354 8.61 -6.60 -12.05
C LEU A 354 8.00 -6.22 -13.41
N TYR A 355 8.60 -5.24 -14.10
CA TYR A 355 8.07 -4.82 -15.41
C TYR A 355 8.16 -5.97 -16.43
N SER A 356 9.30 -6.67 -16.46
CA SER A 356 9.51 -7.81 -17.34
C SER A 356 8.37 -8.83 -17.23
N LEU A 357 7.96 -9.12 -15.99
CA LEU A 357 6.89 -10.08 -15.72
C LEU A 357 5.52 -9.44 -15.99
N GLY A 358 5.29 -8.26 -15.39
CA GLY A 358 4.02 -7.58 -15.38
C GLY A 358 3.55 -7.21 -16.78
N SER A 359 4.52 -6.94 -17.68
CA SER A 359 4.24 -6.44 -19.00
C SER A 359 3.87 -7.59 -19.95
N LYS A 360 3.92 -8.84 -19.46
CA LYS A 360 3.57 -10.05 -20.23
C LYS A 360 2.37 -10.74 -19.57
N GLU A 361 1.31 -10.94 -20.34
CA GLU A 361 0.06 -11.40 -19.77
C GLU A 361 0.08 -12.92 -19.61
N ASP A 362 0.71 -13.39 -18.54
CA ASP A 362 0.86 -14.80 -18.22
C ASP A 362 -0.22 -15.20 -17.20
N THR A 363 -0.16 -16.46 -16.75
CA THR A 363 -1.10 -16.98 -15.77
C THR A 363 -0.33 -17.53 -14.58
N VAL A 364 -1.09 -18.06 -13.62
CA VAL A 364 -0.57 -18.77 -12.50
C VAL A 364 -1.07 -20.21 -12.61
N ILE A 365 -0.30 -21.11 -12.01
CA ILE A 365 -0.73 -22.44 -11.79
C ILE A 365 -1.40 -22.44 -10.41
N SER A 366 -2.70 -22.74 -10.41
CA SER A 366 -3.59 -22.48 -9.28
C SER A 366 -3.24 -23.40 -8.10
N LEU A 367 -3.68 -23.02 -6.89
CA LEU A 367 -3.85 -23.94 -5.75
C LEU A 367 -4.85 -25.04 -6.15
#